data_1WDJ
#
_entry.id   1WDJ
#
_cell.length_a   55.682
_cell.length_b   95.172
_cell.length_c   99.736
_cell.angle_alpha   90.00
_cell.angle_beta   90.00
_cell.angle_gamma   90.00
#
_symmetry.space_group_name_H-M   'P 21 21 21'
#
loop_
_entity.id
_entity.type
_entity.pdbx_description
1 polymer 'hypothetical protein TT1808'
2 water water
#
_entity_poly.entity_id   1
_entity_poly.type   'polypeptide(L)'
_entity_poly.pdbx_seq_one_letter_code
;MPLVLDLARPVSEEELRRLSELNPGYQWERSPEGRLWVSPTGGESGRRSLQLAYQLARWNEERGLGVVFDSSTGFKFPDG
SILSPDAAFVERGAWEALSEAEREGFPPLAPKAVFEVRSASQDPEELRAKMGIYLRNGVLLGVLVDPYARAVEVFRPGKP
PLRLEGVERVSLDPELPGFALSLPPLW
;
_entity_poly.pdbx_strand_id   A,B,C
#
# COMPACT_ATOMS: atom_id res chain seq x y z
N PRO A 2 -4.19 -10.39 3.19
CA PRO A 2 -3.67 -9.22 3.90
C PRO A 2 -2.93 -9.62 5.18
N LEU A 3 -2.47 -8.61 5.92
CA LEU A 3 -1.80 -8.85 7.19
C LEU A 3 -2.91 -8.79 8.21
N VAL A 4 -2.85 -9.70 9.19
CA VAL A 4 -3.88 -9.74 10.22
C VAL A 4 -3.35 -9.17 11.51
N LEU A 5 -4.07 -8.23 12.10
CA LEU A 5 -3.63 -7.67 13.37
C LEU A 5 -4.68 -8.09 14.38
N ASP A 6 -4.25 -8.93 15.32
CA ASP A 6 -5.13 -9.45 16.34
C ASP A 6 -5.21 -8.51 17.53
N LEU A 7 -6.44 -8.23 17.95
CA LEU A 7 -6.73 -7.37 19.08
C LEU A 7 -7.62 -8.23 19.97
N ALA A 8 -7.53 -8.07 21.29
CA ALA A 8 -8.37 -8.85 22.19
C ALA A 8 -9.71 -8.12 22.26
N ARG A 9 -9.96 -7.28 21.26
CA ARG A 9 -11.18 -6.48 21.15
C ARG A 9 -11.46 -6.23 19.68
N PRO A 10 -12.72 -6.41 19.23
CA PRO A 10 -13.03 -6.18 17.81
C PRO A 10 -12.74 -4.73 17.46
N VAL A 11 -11.98 -4.50 16.40
CA VAL A 11 -11.68 -3.14 16.01
C VAL A 11 -13.01 -2.40 15.75
N SER A 12 -13.02 -1.10 16.02
CA SER A 12 -14.24 -0.30 15.83
C SER A 12 -14.24 0.50 14.53
N GLU A 13 -15.44 0.91 14.11
CA GLU A 13 -15.58 1.71 12.91
C GLU A 13 -14.78 3.01 13.05
N GLU A 14 -14.73 3.53 14.28
CA GLU A 14 -14.00 4.76 14.56
C GLU A 14 -12.50 4.49 14.37
N GLU A 15 -12.05 3.33 14.83
CA GLU A 15 -10.65 2.99 14.70
C GLU A 15 -10.27 2.74 13.24
N LEU A 16 -11.19 2.16 12.48
CA LEU A 16 -10.93 1.92 11.06
C LEU A 16 -10.73 3.25 10.35
N ARG A 17 -11.66 4.19 10.58
CA ARG A 17 -11.58 5.50 9.96
C ARG A 17 -10.26 6.17 10.28
N ARG A 18 -9.91 6.16 11.55
CA ARG A 18 -8.68 6.77 11.99
C ARG A 18 -7.47 6.10 11.37
N LEU A 19 -7.45 4.77 11.33
CA LEU A 19 -6.31 4.07 10.75
C LEU A 19 -6.16 4.41 9.27
N SER A 20 -7.28 4.57 8.58
CA SER A 20 -7.24 4.90 7.16
C SER A 20 -6.61 6.27 7.03
N GLU A 21 -7.03 7.17 7.91
CA GLU A 21 -6.55 8.52 7.93
C GLU A 21 -5.05 8.57 8.18
N LEU A 22 -4.60 7.81 9.19
CA LEU A 22 -3.20 7.78 9.53
C LEU A 22 -2.35 7.00 8.55
N ASN A 23 -2.98 6.19 7.70
CA ASN A 23 -2.19 5.39 6.76
C ASN A 23 -2.66 5.47 5.30
N PRO A 24 -2.36 6.59 4.63
CA PRO A 24 -2.78 6.72 3.23
C PRO A 24 -2.14 5.54 2.45
N GLY A 25 -2.87 5.02 1.47
CA GLY A 25 -2.35 3.91 0.66
C GLY A 25 -2.64 2.52 1.24
N TYR A 26 -3.24 2.49 2.43
CA TYR A 26 -3.57 1.21 3.04
C TYR A 26 -5.08 1.02 3.21
N GLN A 27 -5.52 -0.18 2.94
CA GLN A 27 -6.91 -0.54 3.09
C GLN A 27 -7.08 -1.29 4.42
N TRP A 28 -7.95 -0.77 5.27
CA TRP A 28 -8.20 -1.41 6.54
C TRP A 28 -9.59 -2.05 6.52
N GLU A 29 -9.69 -3.27 7.03
CA GLU A 29 -10.94 -4.01 7.06
C GLU A 29 -11.08 -4.74 8.40
N ARG A 30 -12.32 -5.07 8.75
CA ARG A 30 -12.65 -5.80 9.97
C ARG A 30 -13.19 -7.17 9.56
N SER A 31 -12.53 -8.22 9.99
CA SER A 31 -12.95 -9.59 9.65
C SER A 31 -14.24 -9.96 10.36
N PRO A 32 -14.82 -11.12 10.04
CA PRO A 32 -16.07 -11.53 10.69
C PRO A 32 -15.87 -11.77 12.18
N GLU A 33 -14.68 -12.26 12.54
CA GLU A 33 -14.36 -12.52 13.94
C GLU A 33 -14.01 -11.22 14.62
N GLY A 34 -13.87 -10.15 13.84
CA GLY A 34 -13.55 -8.85 14.43
C GLY A 34 -12.10 -8.43 14.42
N ARG A 35 -11.26 -9.13 13.65
CA ARG A 35 -9.86 -8.76 13.59
C ARG A 35 -9.60 -7.70 12.50
N LEU A 36 -8.40 -7.14 12.53
CA LEU A 36 -8.00 -6.14 11.55
C LEU A 36 -7.28 -6.78 10.37
N TRP A 37 -7.65 -6.35 9.17
CA TRP A 37 -7.03 -6.81 7.93
C TRP A 37 -6.48 -5.56 7.27
N VAL A 38 -5.22 -5.62 6.88
CA VAL A 38 -4.57 -4.49 6.26
C VAL A 38 -3.85 -4.93 5.00
N SER A 39 -4.05 -4.18 3.92
CA SER A 39 -3.39 -4.48 2.67
C SER A 39 -3.10 -3.17 1.95
N PRO A 40 -1.89 -3.06 1.39
CA PRO A 40 -1.49 -1.85 0.66
C PRO A 40 -2.04 -1.83 -0.76
N THR A 41 -2.22 -0.64 -1.31
CA THR A 41 -2.70 -0.52 -2.66
C THR A 41 -1.64 0.22 -3.45
N GLY A 42 -0.82 -0.54 -4.16
CA GLY A 42 0.24 0.05 -4.96
C GLY A 42 -0.27 0.54 -6.29
N GLY A 43 0.66 0.98 -7.15
CA GLY A 43 0.32 1.51 -8.45
C GLY A 43 -0.44 0.56 -9.34
N GLU A 44 0.08 -0.66 -9.51
CA GLU A 44 -0.57 -1.67 -10.35
C GLU A 44 -2.00 -1.95 -9.88
N SER A 45 -2.15 -2.21 -8.58
CA SER A 45 -3.47 -2.48 -8.02
C SER A 45 -4.40 -1.31 -8.31
N GLY A 46 -3.91 -0.11 -8.04
CA GLY A 46 -4.69 1.10 -8.24
C GLY A 46 -5.15 1.34 -9.66
N ARG A 47 -4.31 1.04 -10.65
CA ARG A 47 -4.73 1.24 -12.03
C ARG A 47 -5.76 0.21 -12.44
N ARG A 48 -5.61 -1.02 -11.96
CA ARG A 48 -6.56 -2.08 -12.31
C ARG A 48 -7.93 -1.88 -11.67
N SER A 49 -7.95 -1.52 -10.39
CA SER A 49 -9.23 -1.32 -9.73
C SER A 49 -9.94 -0.12 -10.35
N LEU A 50 -9.18 0.91 -10.75
CA LEU A 50 -9.74 2.09 -11.38
C LEU A 50 -10.40 1.66 -12.71
N GLN A 51 -9.63 0.95 -13.52
CA GLN A 51 -10.14 0.46 -14.80
C GLN A 51 -11.39 -0.39 -14.57
N LEU A 52 -11.36 -1.28 -13.58
CA LEU A 52 -12.53 -2.09 -13.33
C LEU A 52 -13.74 -1.22 -12.89
N ALA A 53 -13.50 -0.27 -11.98
CA ALA A 53 -14.58 0.61 -11.51
C ALA A 53 -15.12 1.44 -12.68
N TYR A 54 -14.22 1.85 -13.57
CA TYR A 54 -14.58 2.63 -14.74
C TYR A 54 -15.59 1.88 -15.63
N GLN A 55 -15.33 0.60 -15.85
CA GLN A 55 -16.23 -0.18 -16.68
C GLN A 55 -17.59 -0.33 -16.00
N LEU A 56 -17.56 -0.56 -14.69
CA LEU A 56 -18.80 -0.70 -13.93
C LEU A 56 -19.56 0.63 -14.01
N ALA A 57 -18.87 1.74 -13.77
CA ALA A 57 -19.50 3.06 -13.79
C ALA A 57 -20.11 3.41 -15.16
N ARG A 58 -19.35 3.12 -16.23
CA ARG A 58 -19.79 3.36 -17.60
C ARG A 58 -21.10 2.62 -17.83
N TRP A 59 -21.11 1.34 -17.48
CA TRP A 59 -22.31 0.53 -17.62
C TRP A 59 -23.44 1.18 -16.80
N ASN A 60 -23.17 1.51 -15.54
CA ASN A 60 -24.20 2.09 -14.69
C ASN A 60 -24.71 3.45 -15.20
N GLU A 61 -23.83 4.26 -15.77
CA GLU A 61 -24.24 5.56 -16.26
C GLU A 61 -25.23 5.38 -17.41
N GLU A 62 -24.99 4.37 -18.24
CA GLU A 62 -25.90 4.15 -19.36
C GLU A 62 -27.18 3.45 -18.96
N ARG A 63 -27.17 2.74 -17.83
CA ARG A 63 -28.37 2.04 -17.37
C ARG A 63 -29.11 2.68 -16.20
N GLY A 64 -28.39 3.23 -15.23
CA GLY A 64 -29.02 3.88 -14.09
C GLY A 64 -29.73 2.99 -13.08
N LEU A 65 -29.33 1.73 -12.99
CA LEU A 65 -29.99 0.83 -12.05
C LEU A 65 -29.51 0.98 -10.62
N GLY A 66 -28.36 1.60 -10.42
CA GLY A 66 -27.87 1.73 -9.07
C GLY A 66 -26.80 2.74 -8.82
N VAL A 67 -25.90 2.39 -7.89
CA VAL A 67 -24.82 3.26 -7.46
C VAL A 67 -23.51 2.47 -7.44
N VAL A 68 -22.44 3.08 -7.94
CA VAL A 68 -21.14 2.40 -8.00
C VAL A 68 -20.16 3.10 -7.05
N PHE A 69 -19.34 2.31 -6.37
CA PHE A 69 -18.37 2.85 -5.41
C PHE A 69 -16.97 2.41 -5.79
N ASP A 70 -15.98 3.25 -5.53
CA ASP A 70 -14.62 2.84 -5.85
C ASP A 70 -14.01 2.01 -4.73
N SER A 71 -12.77 1.58 -4.93
CA SER A 71 -12.09 0.70 -3.99
C SER A 71 -11.79 1.19 -2.58
N SER A 72 -12.01 2.45 -2.28
CA SER A 72 -11.69 2.91 -0.92
C SER A 72 -12.85 2.76 0.02
N THR A 73 -13.99 2.35 -0.54
CA THR A 73 -15.22 2.19 0.23
C THR A 73 -15.33 0.89 1.00
N GLY A 74 -15.71 0.98 2.27
CA GLY A 74 -15.89 -0.19 3.11
C GLY A 74 -17.37 -0.39 3.39
N PHE A 75 -17.86 -1.62 3.33
CA PHE A 75 -19.26 -1.91 3.59
C PHE A 75 -19.38 -2.76 4.86
N LYS A 76 -20.43 -2.50 5.64
CA LYS A 76 -20.66 -3.23 6.88
C LYS A 76 -21.69 -4.31 6.63
N PHE A 77 -21.25 -5.56 6.72
CA PHE A 77 -22.11 -6.69 6.45
C PHE A 77 -22.82 -7.22 7.70
N PRO A 78 -23.83 -8.07 7.51
CA PRO A 78 -24.61 -8.67 8.60
C PRO A 78 -23.81 -9.35 9.70
N ASP A 79 -22.73 -10.04 9.33
CA ASP A 79 -21.93 -10.73 10.36
C ASP A 79 -20.97 -9.78 11.09
N GLY A 80 -21.08 -8.49 10.78
CA GLY A 80 -20.23 -7.51 11.45
C GLY A 80 -18.92 -7.16 10.76
N SER A 81 -18.53 -7.92 9.75
CA SER A 81 -17.30 -7.61 9.05
C SER A 81 -17.47 -6.32 8.24
N ILE A 82 -16.38 -5.58 8.08
CA ILE A 82 -16.39 -4.35 7.28
C ILE A 82 -15.36 -4.63 6.20
N LEU A 83 -15.85 -4.90 5.00
CA LEU A 83 -14.98 -5.24 3.89
C LEU A 83 -14.99 -4.18 2.80
N SER A 84 -13.85 -4.08 2.10
CA SER A 84 -13.70 -3.09 1.03
C SER A 84 -13.27 -3.70 -0.31
N PRO A 85 -14.22 -4.01 -1.19
CA PRO A 85 -13.83 -4.60 -2.48
C PRO A 85 -13.19 -3.54 -3.38
N ASP A 86 -12.73 -3.94 -4.56
CA ASP A 86 -12.14 -2.98 -5.50
C ASP A 86 -13.27 -2.22 -6.22
N ALA A 87 -14.46 -2.79 -6.26
CA ALA A 87 -15.60 -2.12 -6.88
C ALA A 87 -16.87 -2.77 -6.37
N ALA A 88 -17.94 -1.99 -6.26
CA ALA A 88 -19.20 -2.51 -5.77
C ALA A 88 -20.35 -1.78 -6.46
N PHE A 89 -21.47 -2.50 -6.61
CA PHE A 89 -22.67 -1.95 -7.21
C PHE A 89 -23.80 -2.22 -6.21
N VAL A 90 -24.58 -1.18 -5.91
CA VAL A 90 -25.72 -1.25 -4.99
C VAL A 90 -26.92 -0.73 -5.78
N GLU A 91 -28.03 -1.46 -5.78
CA GLU A 91 -29.23 -1.03 -6.49
C GLU A 91 -29.76 0.24 -5.80
N ARG A 92 -30.38 1.12 -6.58
CA ARG A 92 -30.91 2.39 -6.03
C ARG A 92 -31.78 2.17 -4.80
N GLY A 93 -32.76 1.27 -4.91
CA GLY A 93 -33.66 1.01 -3.80
C GLY A 93 -32.93 0.78 -2.50
N ALA A 94 -31.99 -0.14 -2.51
CA ALA A 94 -31.20 -0.50 -1.34
C ALA A 94 -30.42 0.68 -0.78
N TRP A 95 -29.87 1.50 -1.69
CA TRP A 95 -29.07 2.65 -1.28
C TRP A 95 -29.93 3.75 -0.65
N GLU A 96 -31.05 4.04 -1.29
CA GLU A 96 -31.97 5.08 -0.82
C GLU A 96 -32.54 4.76 0.56
N ALA A 97 -32.78 3.48 0.83
CA ALA A 97 -33.30 3.06 2.11
C ALA A 97 -32.42 3.48 3.30
N LEU A 98 -31.15 3.79 3.02
CA LEU A 98 -30.24 4.17 4.09
C LEU A 98 -30.36 5.65 4.49
N SER A 99 -30.08 5.90 5.77
CA SER A 99 -30.14 7.25 6.32
C SER A 99 -28.89 7.97 5.85
N GLU A 100 -28.92 9.29 5.93
CA GLU A 100 -27.80 10.09 5.49
C GLU A 100 -26.54 9.66 6.24
N ALA A 101 -26.69 9.29 7.51
CA ALA A 101 -25.57 8.86 8.34
C ALA A 101 -25.03 7.51 7.88
N GLU A 102 -25.93 6.62 7.50
CA GLU A 102 -25.54 5.28 7.07
C GLU A 102 -24.78 5.32 5.75
N ARG A 103 -25.15 6.26 4.88
CA ARG A 103 -24.50 6.38 3.58
C ARG A 103 -23.14 7.03 3.73
N GLU A 104 -23.05 7.94 4.71
CA GLU A 104 -21.82 8.68 4.95
C GLU A 104 -20.76 7.82 5.64
N GLY A 105 -21.19 6.86 6.45
CA GLY A 105 -20.25 5.97 7.12
C GLY A 105 -20.12 4.73 6.26
N PHE A 106 -19.78 3.58 6.86
CA PHE A 106 -19.67 2.34 6.10
C PHE A 106 -21.08 1.82 5.91
N PRO A 107 -21.62 1.91 4.68
CA PRO A 107 -22.98 1.45 4.39
C PRO A 107 -23.30 0.07 4.96
N PRO A 108 -24.36 -0.02 5.79
CA PRO A 108 -24.77 -1.29 6.40
C PRO A 108 -25.62 -2.10 5.43
N LEU A 109 -24.97 -2.79 4.52
CA LEU A 109 -25.69 -3.61 3.55
C LEU A 109 -24.70 -4.37 2.68
N ALA A 110 -25.18 -5.44 2.04
CA ALA A 110 -24.33 -6.23 1.18
C ALA A 110 -24.56 -5.81 -0.27
N PRO A 111 -23.57 -5.17 -0.90
CA PRO A 111 -23.78 -4.75 -2.30
C PRO A 111 -24.28 -5.94 -3.16
N LYS A 112 -25.15 -5.68 -4.12
CA LYS A 112 -25.63 -6.74 -4.97
C LYS A 112 -24.44 -7.43 -5.66
N ALA A 113 -23.45 -6.65 -6.10
CA ALA A 113 -22.26 -7.18 -6.77
C ALA A 113 -20.97 -6.56 -6.24
N VAL A 114 -19.95 -7.38 -6.03
CA VAL A 114 -18.67 -6.88 -5.59
C VAL A 114 -17.57 -7.45 -6.49
N PHE A 115 -16.47 -6.70 -6.62
CA PHE A 115 -15.35 -7.10 -7.45
C PHE A 115 -14.04 -6.99 -6.65
N GLU A 116 -13.20 -8.01 -6.79
CA GLU A 116 -11.90 -8.06 -6.12
C GLU A 116 -10.82 -8.35 -7.17
N VAL A 117 -9.77 -7.55 -7.18
CA VAL A 117 -8.69 -7.77 -8.13
C VAL A 117 -7.47 -8.24 -7.37
N ARG A 118 -6.97 -9.41 -7.74
CA ARG A 118 -5.82 -9.95 -7.05
C ARG A 118 -4.56 -9.12 -7.25
N SER A 119 -3.97 -8.69 -6.14
CA SER A 119 -2.75 -7.91 -6.19
C SER A 119 -1.58 -8.90 -6.02
N ALA A 120 -0.39 -8.50 -6.43
CA ALA A 120 0.77 -9.38 -6.34
C ALA A 120 1.03 -9.94 -4.92
N SER A 121 0.82 -9.14 -3.90
CA SER A 121 1.06 -9.58 -2.52
C SER A 121 -0.06 -10.42 -1.90
N GLN A 122 -1.07 -10.79 -2.68
CA GLN A 122 -2.17 -11.58 -2.13
C GLN A 122 -2.19 -13.03 -2.63
N ASP A 123 -2.46 -13.96 -1.71
CA ASP A 123 -2.54 -15.38 -2.07
C ASP A 123 -3.90 -15.61 -2.68
N PRO A 124 -3.96 -16.34 -3.80
CA PRO A 124 -5.20 -16.65 -4.50
C PRO A 124 -6.32 -17.25 -3.65
N GLU A 125 -5.98 -18.25 -2.84
CA GLU A 125 -6.98 -18.93 -2.02
C GLU A 125 -7.60 -18.07 -0.93
N GLU A 126 -6.85 -17.12 -0.41
CA GLU A 126 -7.41 -16.25 0.62
C GLU A 126 -8.49 -15.39 0.00
N LEU A 127 -8.22 -14.90 -1.20
CA LEU A 127 -9.16 -14.06 -1.90
C LEU A 127 -10.41 -14.86 -2.31
N ARG A 128 -10.24 -16.14 -2.68
CA ARG A 128 -11.40 -16.94 -3.05
C ARG A 128 -12.26 -17.16 -1.82
N ALA A 129 -11.61 -17.29 -0.67
CA ALA A 129 -12.31 -17.47 0.60
C ALA A 129 -13.08 -16.19 0.94
N LYS A 130 -12.49 -15.05 0.65
CA LYS A 130 -13.15 -13.77 0.93
C LYS A 130 -14.46 -13.73 0.14
N MET A 131 -14.46 -14.31 -1.06
CA MET A 131 -15.64 -14.34 -1.90
C MET A 131 -16.78 -15.10 -1.19
N GLY A 132 -16.44 -16.15 -0.45
CA GLY A 132 -17.42 -16.91 0.30
C GLY A 132 -18.03 -16.08 1.41
N ILE A 133 -17.20 -15.24 2.04
CA ILE A 133 -17.69 -14.35 3.08
C ILE A 133 -18.71 -13.37 2.47
N TYR A 134 -18.40 -12.85 1.28
CA TYR A 134 -19.31 -11.93 0.60
C TYR A 134 -20.66 -12.60 0.35
N LEU A 135 -20.60 -13.77 -0.24
CA LEU A 135 -21.80 -14.51 -0.58
C LEU A 135 -22.64 -14.93 0.60
N ARG A 136 -22.00 -15.41 1.66
CA ARG A 136 -22.73 -15.84 2.85
C ARG A 136 -23.38 -14.62 3.54
N ASN A 137 -22.89 -13.42 3.22
CA ASN A 137 -23.47 -12.21 3.81
C ASN A 137 -24.54 -11.56 2.95
N GLY A 138 -24.82 -12.13 1.78
CA GLY A 138 -25.88 -11.59 0.95
C GLY A 138 -25.52 -11.02 -0.42
N VAL A 139 -24.24 -10.95 -0.75
CA VAL A 139 -23.85 -10.46 -2.06
C VAL A 139 -24.35 -11.47 -3.12
N LEU A 140 -24.95 -10.99 -4.21
CA LEU A 140 -25.49 -11.87 -5.27
C LEU A 140 -24.53 -12.16 -6.42
N LEU A 141 -23.45 -11.39 -6.50
CA LEU A 141 -22.46 -11.61 -7.54
C LEU A 141 -21.09 -11.16 -7.07
N GLY A 142 -20.15 -12.09 -7.07
CA GLY A 142 -18.80 -11.75 -6.64
C GLY A 142 -17.90 -12.08 -7.81
N VAL A 143 -17.04 -11.14 -8.18
CA VAL A 143 -16.15 -11.32 -9.31
C VAL A 143 -14.70 -11.14 -8.84
N LEU A 144 -13.90 -12.18 -9.05
CA LEU A 144 -12.49 -12.18 -8.64
C LEU A 144 -11.61 -12.19 -9.89
N VAL A 145 -10.86 -11.12 -10.11
CA VAL A 145 -9.97 -11.04 -11.27
C VAL A 145 -8.51 -11.28 -10.82
N ASP A 146 -7.83 -12.19 -11.51
CA ASP A 146 -6.44 -12.48 -11.20
C ASP A 146 -5.67 -12.07 -12.45
N PRO A 147 -5.11 -10.86 -12.45
CA PRO A 147 -4.37 -10.39 -13.61
C PRO A 147 -3.09 -11.15 -13.87
N TYR A 148 -2.57 -11.83 -12.85
CA TYR A 148 -1.34 -12.57 -13.02
C TYR A 148 -1.53 -13.93 -13.69
N ALA A 149 -2.72 -14.51 -13.55
CA ALA A 149 -3.02 -15.78 -14.20
C ALA A 149 -3.89 -15.48 -15.42
N ARG A 150 -4.28 -14.20 -15.54
CA ARG A 150 -5.15 -13.74 -16.61
C ARG A 150 -6.40 -14.57 -16.62
N ALA A 151 -7.00 -14.69 -15.45
CA ALA A 151 -8.21 -15.45 -15.31
C ALA A 151 -9.20 -14.68 -14.45
N VAL A 152 -10.46 -15.06 -14.54
CA VAL A 152 -11.48 -14.43 -13.74
C VAL A 152 -12.40 -15.53 -13.22
N GLU A 153 -12.86 -15.37 -11.98
CA GLU A 153 -13.73 -16.36 -11.41
C GLU A 153 -15.02 -15.67 -10.92
N VAL A 154 -16.17 -16.18 -11.35
CA VAL A 154 -17.46 -15.62 -10.97
C VAL A 154 -18.14 -16.48 -9.92
N PHE A 155 -18.55 -15.84 -8.81
CA PHE A 155 -19.22 -16.52 -7.70
C PHE A 155 -20.66 -16.04 -7.57
N ARG A 156 -21.58 -16.99 -7.55
CA ARG A 156 -23.00 -16.70 -7.39
C ARG A 156 -23.53 -17.62 -6.29
N PRO A 157 -24.51 -17.14 -5.51
CA PRO A 157 -25.08 -17.94 -4.43
C PRO A 157 -25.73 -19.18 -5.01
N GLY A 158 -25.43 -20.33 -4.42
CA GLY A 158 -26.05 -21.56 -4.88
C GLY A 158 -25.55 -22.08 -6.21
N LYS A 159 -24.40 -21.59 -6.65
CA LYS A 159 -23.87 -22.05 -7.93
C LYS A 159 -22.38 -22.35 -7.87
N PRO A 160 -21.93 -23.31 -8.67
CA PRO A 160 -20.50 -23.60 -8.62
C PRO A 160 -19.78 -22.38 -9.14
N PRO A 161 -18.62 -22.03 -8.54
CA PRO A 161 -17.89 -20.86 -9.03
C PRO A 161 -17.38 -21.15 -10.44
N LEU A 162 -17.47 -20.15 -11.31
CA LEU A 162 -17.06 -20.28 -12.70
C LEU A 162 -15.72 -19.58 -12.92
N ARG A 163 -14.70 -20.36 -13.29
CA ARG A 163 -13.37 -19.82 -13.54
C ARG A 163 -13.07 -19.81 -15.05
N LEU A 164 -12.84 -18.63 -15.60
CA LEU A 164 -12.56 -18.50 -17.03
C LEU A 164 -11.11 -18.05 -17.27
N GLU A 165 -10.43 -18.66 -18.23
CA GLU A 165 -9.04 -18.31 -18.52
C GLU A 165 -8.81 -17.80 -19.93
N GLY A 166 -7.98 -16.76 -20.03
CA GLY A 166 -7.64 -16.18 -21.31
C GLY A 166 -8.82 -15.68 -22.12
N VAL A 167 -9.91 -15.33 -21.45
CA VAL A 167 -11.07 -14.80 -22.17
C VAL A 167 -10.94 -13.29 -22.26
N GLU A 168 -11.56 -12.71 -23.29
CA GLU A 168 -11.53 -11.28 -23.50
C GLU A 168 -12.63 -10.56 -22.74
N ARG A 169 -13.81 -11.17 -22.73
CA ARG A 169 -15.01 -10.63 -22.08
C ARG A 169 -15.69 -11.64 -21.17
N VAL A 170 -16.50 -11.12 -20.24
CA VAL A 170 -17.26 -11.97 -19.35
C VAL A 170 -18.59 -11.32 -19.00
N SER A 171 -19.67 -11.93 -19.48
CA SER A 171 -21.03 -11.48 -19.26
C SER A 171 -21.38 -11.65 -17.79
N LEU A 172 -21.89 -10.59 -17.16
CA LEU A 172 -22.27 -10.69 -15.75
C LEU A 172 -23.80 -10.58 -15.64
N ASP A 173 -24.47 -10.98 -16.71
CA ASP A 173 -25.94 -11.02 -16.76
C ASP A 173 -26.34 -12.25 -15.91
N PRO A 174 -27.51 -12.22 -15.26
CA PRO A 174 -28.50 -11.14 -15.19
C PRO A 174 -28.33 -10.22 -13.98
N GLU A 175 -27.40 -10.54 -13.09
CA GLU A 175 -27.20 -9.71 -11.91
C GLU A 175 -26.93 -8.27 -12.30
N LEU A 176 -26.18 -8.09 -13.38
CA LEU A 176 -25.85 -6.76 -13.89
C LEU A 176 -26.27 -6.80 -15.36
N PRO A 177 -27.57 -6.58 -15.63
CA PRO A 177 -28.14 -6.59 -16.98
C PRO A 177 -27.31 -5.92 -18.05
N GLY A 178 -26.95 -6.68 -19.08
CA GLY A 178 -26.18 -6.12 -20.18
C GLY A 178 -24.76 -5.68 -19.92
N PHE A 179 -24.20 -6.01 -18.77
CA PHE A 179 -22.83 -5.62 -18.50
C PHE A 179 -21.89 -6.77 -18.80
N ALA A 180 -20.83 -6.47 -19.52
CA ALA A 180 -19.80 -7.45 -19.84
C ALA A 180 -18.47 -6.81 -19.45
N LEU A 181 -17.76 -7.46 -18.53
CA LEU A 181 -16.47 -6.96 -18.08
C LEU A 181 -15.39 -7.33 -19.12
N SER A 182 -14.65 -6.33 -19.55
CA SER A 182 -13.56 -6.50 -20.52
C SER A 182 -12.31 -6.78 -19.68
N LEU A 183 -11.64 -7.90 -19.93
CA LEU A 183 -10.47 -8.27 -19.13
C LEU A 183 -9.07 -7.75 -19.50
N PRO A 184 -8.71 -7.73 -20.80
CA PRO A 184 -7.39 -7.23 -21.17
C PRO A 184 -7.00 -5.90 -20.50
N PRO A 185 -7.94 -4.94 -20.44
CA PRO A 185 -7.63 -3.67 -19.80
C PRO A 185 -7.18 -3.81 -18.34
N LEU A 186 -7.48 -4.97 -17.74
CA LEU A 186 -7.08 -5.22 -16.35
C LEU A 186 -5.72 -5.95 -16.21
N TRP A 187 -5.17 -6.42 -17.33
CA TRP A 187 -3.89 -7.13 -17.30
C TRP A 187 -2.74 -6.17 -17.03
N LEU B 36 -22.52 15.22 11.59
CA LEU B 36 -22.63 13.77 11.70
C LEU B 36 -21.33 13.04 11.42
N TRP B 37 -21.25 11.81 11.91
CA TRP B 37 -20.07 10.97 11.75
C TRP B 37 -19.83 10.64 10.28
N VAL B 38 -18.69 11.09 9.75
CA VAL B 38 -18.36 10.86 8.36
C VAL B 38 -17.00 10.17 8.17
N SER B 39 -16.91 9.31 7.16
CA SER B 39 -15.66 8.63 6.88
C SER B 39 -15.20 8.85 5.44
N PRO B 40 -13.90 9.12 5.25
CA PRO B 40 -13.33 9.33 3.91
C PRO B 40 -13.43 8.01 3.13
N THR B 41 -13.57 6.92 3.88
CA THR B 41 -13.69 5.58 3.32
C THR B 41 -15.13 5.08 3.42
N GLY B 42 -16.09 6.01 3.57
CA GLY B 42 -17.51 5.67 3.67
C GLY B 42 -18.22 5.71 2.31
N GLY B 43 -19.52 5.44 2.31
CA GLY B 43 -20.27 5.41 1.07
C GLY B 43 -20.31 6.68 0.21
N GLU B 44 -20.78 7.78 0.78
CA GLU B 44 -20.87 9.04 0.05
C GLU B 44 -19.55 9.46 -0.58
N SER B 45 -18.46 9.41 0.20
CA SER B 45 -17.15 9.79 -0.33
C SER B 45 -16.78 8.86 -1.48
N GLY B 46 -17.05 7.56 -1.29
CA GLY B 46 -16.74 6.55 -2.30
C GLY B 46 -17.53 6.76 -3.57
N ARG B 47 -18.80 7.12 -3.42
CA ARG B 47 -19.67 7.39 -4.56
C ARG B 47 -19.17 8.61 -5.34
N ARG B 48 -18.75 9.64 -4.62
CA ARG B 48 -18.26 10.84 -5.27
C ARG B 48 -16.90 10.67 -5.95
N SER B 49 -15.94 10.05 -5.26
CA SER B 49 -14.64 9.86 -5.88
C SER B 49 -14.77 8.96 -7.11
N LEU B 50 -15.66 7.97 -7.07
CA LEU B 50 -15.81 7.10 -8.25
C LEU B 50 -16.35 7.91 -9.44
N GLN B 51 -17.29 8.81 -9.17
CA GLN B 51 -17.89 9.64 -10.20
C GLN B 51 -16.79 10.50 -10.84
N LEU B 52 -15.91 11.04 -10.02
CA LEU B 52 -14.83 11.85 -10.55
C LEU B 52 -13.84 10.95 -11.33
N ALA B 53 -13.38 9.88 -10.68
CA ALA B 53 -12.44 8.97 -11.31
C ALA B 53 -12.98 8.45 -12.64
N TYR B 54 -14.26 8.12 -12.65
CA TYR B 54 -14.93 7.64 -13.85
C TYR B 54 -14.72 8.62 -15.04
N GLN B 55 -14.92 9.92 -14.80
CA GLN B 55 -14.71 10.89 -15.87
C GLN B 55 -13.25 10.90 -16.35
N LEU B 56 -12.31 10.96 -15.42
CA LEU B 56 -10.90 10.99 -15.74
C LEU B 56 -10.54 9.74 -16.52
N ALA B 57 -11.07 8.60 -16.10
CA ALA B 57 -10.77 7.36 -16.81
C ALA B 57 -11.40 7.35 -18.21
N ARG B 58 -12.60 7.90 -18.33
CA ARG B 58 -13.29 7.94 -19.61
C ARG B 58 -12.43 8.74 -20.59
N TRP B 59 -11.91 9.86 -20.13
CA TRP B 59 -11.05 10.71 -20.93
C TRP B 59 -9.74 9.98 -21.29
N ASN B 60 -9.11 9.36 -20.29
CA ASN B 60 -7.85 8.66 -20.54
C ASN B 60 -8.06 7.49 -21.49
N GLU B 61 -9.21 6.83 -21.44
CA GLU B 61 -9.45 5.70 -22.34
C GLU B 61 -9.37 6.13 -23.81
N GLU B 62 -9.85 7.34 -24.10
CA GLU B 62 -9.83 7.79 -25.49
C GLU B 62 -8.50 8.40 -25.91
N ARG B 63 -7.80 9.02 -24.96
CA ARG B 63 -6.54 9.67 -25.28
C ARG B 63 -5.25 8.90 -24.91
N GLY B 64 -5.31 8.07 -23.87
CA GLY B 64 -4.15 7.28 -23.48
C GLY B 64 -2.83 8.01 -23.28
N LEU B 65 -2.87 9.24 -22.76
CA LEU B 65 -1.67 10.04 -22.53
C LEU B 65 -0.96 9.62 -21.23
N GLY B 66 -1.66 8.86 -20.40
CA GLY B 66 -1.05 8.42 -19.18
C GLY B 66 -1.78 7.26 -18.53
N VAL B 67 -1.62 7.16 -17.23
CA VAL B 67 -2.24 6.10 -16.46
C VAL B 67 -3.04 6.78 -15.34
N VAL B 68 -4.26 6.31 -15.13
CA VAL B 68 -5.10 6.88 -14.08
C VAL B 68 -5.29 5.86 -12.93
N PHE B 69 -5.27 6.35 -11.70
CA PHE B 69 -5.38 5.50 -10.53
C PHE B 69 -6.55 5.94 -9.69
N ASP B 70 -7.08 5.00 -8.88
CA ASP B 70 -8.22 5.30 -8.02
C ASP B 70 -7.86 5.78 -6.62
N SER B 71 -8.90 6.11 -5.86
CA SER B 71 -8.76 6.63 -4.49
C SER B 71 -7.98 5.78 -3.48
N SER B 72 -7.70 4.53 -3.81
CA SER B 72 -6.97 3.65 -2.89
C SER B 72 -5.46 3.76 -3.02
N THR B 73 -5.01 4.10 -4.22
CA THR B 73 -3.60 4.17 -4.53
C THR B 73 -2.77 5.08 -3.66
N GLY B 74 -1.62 4.57 -3.24
CA GLY B 74 -0.72 5.38 -2.44
C GLY B 74 0.46 5.69 -3.32
N PHE B 75 0.95 6.92 -3.24
CA PHE B 75 2.11 7.34 -4.01
C PHE B 75 3.21 7.77 -3.04
N LYS B 76 4.47 7.48 -3.35
CA LYS B 76 5.56 7.91 -2.48
C LYS B 76 6.09 9.21 -3.05
N PHE B 77 5.85 10.32 -2.35
CA PHE B 77 6.30 11.61 -2.84
C PHE B 77 7.75 11.90 -2.54
N PRO B 78 8.36 12.79 -3.35
CA PRO B 78 9.76 13.19 -3.21
C PRO B 78 10.15 13.55 -1.77
N ASP B 79 9.22 14.15 -1.03
CA ASP B 79 9.51 14.52 0.35
C ASP B 79 9.44 13.30 1.29
N GLY B 80 9.41 12.10 0.70
CA GLY B 80 9.36 10.88 1.50
C GLY B 80 8.01 10.32 1.91
N SER B 81 7.02 11.18 2.11
CA SER B 81 5.70 10.72 2.54
C SER B 81 4.86 9.95 1.51
N ILE B 82 3.86 9.22 1.99
CA ILE B 82 2.95 8.48 1.14
C ILE B 82 1.66 9.31 1.19
N LEU B 83 1.07 9.58 0.03
CA LEU B 83 -0.18 10.32 -0.02
C LEU B 83 -1.11 9.61 -0.99
N SER B 84 -2.40 9.70 -0.72
CA SER B 84 -3.39 9.02 -1.57
C SER B 84 -4.58 9.92 -1.91
N PRO B 85 -4.55 10.56 -3.09
CA PRO B 85 -5.67 11.43 -3.49
C PRO B 85 -6.89 10.57 -3.89
N ASP B 86 -8.01 11.23 -4.26
CA ASP B 86 -9.19 10.49 -4.71
C ASP B 86 -9.03 9.97 -6.14
N ALA B 87 -8.11 10.56 -6.89
CA ALA B 87 -7.80 10.14 -8.25
C ALA B 87 -6.48 10.77 -8.66
N ALA B 88 -5.76 10.09 -9.55
CA ALA B 88 -4.48 10.60 -10.02
C ALA B 88 -4.19 10.19 -11.47
N PHE B 89 -3.46 11.07 -12.15
CA PHE B 89 -3.06 10.84 -13.50
C PHE B 89 -1.55 10.98 -13.58
N VAL B 90 -0.89 9.97 -14.12
CA VAL B 90 0.56 10.04 -14.27
C VAL B 90 0.85 9.96 -15.77
N GLU B 91 1.68 10.89 -16.26
CA GLU B 91 2.08 10.96 -17.66
C GLU B 91 2.70 9.65 -18.10
N ARG B 92 2.36 9.22 -19.31
CA ARG B 92 2.90 7.98 -19.84
C ARG B 92 4.42 7.85 -19.68
N GLY B 93 5.14 8.91 -20.04
CA GLY B 93 6.60 8.91 -19.95
C GLY B 93 7.15 8.69 -18.56
N ALA B 94 6.51 9.28 -17.57
CA ALA B 94 6.93 9.14 -16.18
C ALA B 94 6.69 7.71 -15.71
N TRP B 95 5.50 7.20 -16.02
CA TRP B 95 5.13 5.85 -15.64
C TRP B 95 6.06 4.80 -16.28
N GLU B 96 6.35 4.96 -17.57
CA GLU B 96 7.20 4.01 -18.29
C GLU B 96 8.62 3.94 -17.72
N ALA B 97 9.07 5.01 -17.09
CA ALA B 97 10.41 5.05 -16.51
C ALA B 97 10.51 4.21 -15.24
N LEU B 98 9.36 3.76 -14.74
CA LEU B 98 9.32 2.96 -13.53
C LEU B 98 9.56 1.48 -13.75
N SER B 99 10.20 0.83 -12.77
CA SER B 99 10.45 -0.60 -12.86
C SER B 99 9.18 -1.32 -12.41
N GLU B 100 9.12 -2.63 -12.66
CA GLU B 100 7.97 -3.43 -12.26
C GLU B 100 7.75 -3.25 -10.77
N ALA B 101 8.80 -3.38 -9.99
CA ALA B 101 8.71 -3.23 -8.55
C ALA B 101 8.18 -1.84 -8.15
N GLU B 102 8.64 -0.79 -8.82
CA GLU B 102 8.19 0.57 -8.54
C GLU B 102 6.71 0.78 -8.86
N ARG B 103 6.23 0.12 -9.92
CA ARG B 103 4.83 0.21 -10.29
C ARG B 103 3.98 -0.59 -9.31
N GLU B 104 4.53 -1.71 -8.81
CA GLU B 104 3.81 -2.56 -7.87
C GLU B 104 3.62 -1.91 -6.49
N GLY B 105 4.63 -1.16 -6.03
CA GLY B 105 4.50 -0.51 -4.75
C GLY B 105 3.92 0.89 -4.91
N PHE B 106 4.05 1.71 -3.87
CA PHE B 106 3.57 3.07 -3.95
C PHE B 106 4.52 3.72 -4.96
N PRO B 107 4.02 4.08 -6.15
CA PRO B 107 4.88 4.70 -7.16
C PRO B 107 5.68 5.88 -6.62
N PRO B 108 7.02 5.88 -6.83
CA PRO B 108 7.90 6.94 -6.34
C PRO B 108 7.88 8.17 -7.25
N LEU B 109 6.77 8.88 -7.27
CA LEU B 109 6.71 10.06 -8.10
C LEU B 109 5.48 10.89 -7.76
N ALA B 110 5.54 12.17 -8.09
CA ALA B 110 4.43 13.06 -7.85
C ALA B 110 3.58 13.00 -9.11
N PRO B 111 2.32 12.51 -9.01
CA PRO B 111 1.49 12.44 -10.23
C PRO B 111 1.32 13.84 -10.86
N LYS B 112 1.29 13.88 -12.19
CA LYS B 112 1.14 15.16 -12.88
C LYS B 112 -0.09 15.90 -12.39
N ALA B 113 -1.16 15.14 -12.15
CA ALA B 113 -2.43 15.72 -11.67
C ALA B 113 -3.02 14.90 -10.54
N VAL B 114 -3.55 15.58 -9.53
CA VAL B 114 -4.20 14.91 -8.41
C VAL B 114 -5.53 15.59 -8.13
N PHE B 115 -6.48 14.78 -7.68
CA PHE B 115 -7.83 15.23 -7.38
C PHE B 115 -8.22 14.83 -5.95
N GLU B 116 -8.84 15.78 -5.25
CA GLU B 116 -9.30 15.54 -3.89
C GLU B 116 -10.77 15.97 -3.84
N VAL B 117 -11.64 15.10 -3.36
CA VAL B 117 -13.06 15.42 -3.24
C VAL B 117 -13.34 15.56 -1.74
N ARG B 118 -13.62 16.77 -1.31
CA ARG B 118 -13.87 17.00 0.10
C ARG B 118 -15.06 16.20 0.65
N SER B 119 -14.85 15.53 1.78
CA SER B 119 -15.93 14.78 2.40
C SER B 119 -16.19 15.53 3.70
N ALA B 120 -17.46 15.57 4.09
CA ALA B 120 -17.91 16.28 5.30
C ALA B 120 -16.94 16.19 6.48
N SER B 121 -16.26 15.07 6.59
CA SER B 121 -15.28 14.79 7.65
C SER B 121 -14.00 15.65 7.56
N GLN B 122 -13.89 16.48 6.53
CA GLN B 122 -12.70 17.32 6.35
C GLN B 122 -13.00 18.82 6.25
N ASP B 123 -12.18 19.65 6.88
CA ASP B 123 -12.39 21.09 6.81
C ASP B 123 -11.61 21.62 5.62
N PRO B 124 -12.20 22.55 4.86
CA PRO B 124 -11.61 23.17 3.68
C PRO B 124 -10.14 23.55 3.75
N GLU B 125 -9.76 24.35 4.74
CA GLU B 125 -8.37 24.79 4.81
C GLU B 125 -7.35 23.65 4.89
N GLU B 126 -7.77 22.52 5.47
CA GLU B 126 -6.90 21.35 5.60
C GLU B 126 -6.54 20.80 4.21
N LEU B 127 -7.54 20.56 3.38
CA LEU B 127 -7.30 20.07 2.03
C LEU B 127 -6.54 21.12 1.22
N ARG B 128 -6.90 22.38 1.43
CA ARG B 128 -6.23 23.47 0.72
C ARG B 128 -4.75 23.39 1.10
N ALA B 129 -4.50 23.14 2.38
CA ALA B 129 -3.13 23.02 2.86
C ALA B 129 -2.48 21.82 2.14
N LYS B 130 -3.23 20.72 2.01
CA LYS B 130 -2.70 19.52 1.35
C LYS B 130 -2.36 19.81 -0.12
N MET B 131 -3.19 20.62 -0.78
CA MET B 131 -2.93 20.93 -2.18
C MET B 131 -1.57 21.63 -2.28
N GLY B 132 -1.23 22.42 -1.25
CA GLY B 132 0.06 23.10 -1.23
C GLY B 132 1.19 22.08 -1.18
N ILE B 133 1.02 21.07 -0.31
CA ILE B 133 2.00 19.99 -0.15
C ILE B 133 2.22 19.26 -1.49
N TYR B 134 1.13 19.02 -2.21
CA TYR B 134 1.20 18.35 -3.52
C TYR B 134 2.03 19.18 -4.48
N LEU B 135 1.73 20.47 -4.58
CA LEU B 135 2.47 21.34 -5.48
C LEU B 135 3.92 21.44 -5.09
N ARG B 136 4.16 21.56 -3.79
CA ARG B 136 5.54 21.66 -3.32
C ARG B 136 6.32 20.41 -3.72
N ASN B 137 5.62 19.29 -3.89
CA ASN B 137 6.27 18.05 -4.28
C ASN B 137 6.38 17.82 -5.78
N GLY B 138 5.83 18.74 -6.58
CA GLY B 138 5.93 18.56 -8.02
C GLY B 138 4.65 18.24 -8.78
N VAL B 139 3.52 18.15 -8.09
CA VAL B 139 2.27 17.89 -8.77
C VAL B 139 2.05 19.15 -9.62
N LEU B 140 1.67 18.98 -10.88
CA LEU B 140 1.48 20.13 -11.76
C LEU B 140 0.04 20.64 -11.78
N LEU B 141 -0.90 19.81 -11.37
CA LEU B 141 -2.31 20.21 -11.34
C LEU B 141 -3.02 19.57 -10.18
N GLY B 142 -3.56 20.40 -9.28
CA GLY B 142 -4.31 19.88 -8.14
C GLY B 142 -5.75 20.38 -8.27
N VAL B 143 -6.71 19.48 -8.22
CA VAL B 143 -8.12 19.86 -8.33
C VAL B 143 -8.85 19.48 -7.06
N LEU B 144 -9.46 20.45 -6.41
CA LEU B 144 -10.18 20.22 -5.16
C LEU B 144 -11.66 20.49 -5.39
N VAL B 145 -12.48 19.45 -5.26
CA VAL B 145 -13.93 19.59 -5.45
C VAL B 145 -14.63 19.56 -4.10
N ASP B 146 -15.47 20.57 -3.85
CA ASP B 146 -16.19 20.63 -2.59
C ASP B 146 -17.66 20.41 -2.94
N PRO B 147 -18.17 19.20 -2.73
CA PRO B 147 -19.57 18.88 -3.04
C PRO B 147 -20.54 19.66 -2.17
N TYR B 148 -20.08 20.05 -1.00
CA TYR B 148 -20.96 20.79 -0.09
C TYR B 148 -21.08 22.25 -0.53
N ALA B 149 -19.96 22.93 -0.69
CA ALA B 149 -19.97 24.32 -1.14
C ALA B 149 -20.34 24.38 -2.62
N ARG B 150 -20.24 23.23 -3.28
CA ARG B 150 -20.52 23.10 -4.71
C ARG B 150 -19.62 24.00 -5.54
N ALA B 151 -18.34 23.91 -5.23
CA ALA B 151 -17.32 24.69 -5.93
C ALA B 151 -16.17 23.77 -6.20
N VAL B 152 -15.20 24.30 -6.95
CA VAL B 152 -14.02 23.54 -7.28
C VAL B 152 -12.87 24.55 -7.28
N GLU B 153 -11.72 24.12 -6.76
CA GLU B 153 -10.53 24.94 -6.70
C GLU B 153 -9.41 24.26 -7.49
N VAL B 154 -8.78 25.00 -8.40
CA VAL B 154 -7.72 24.46 -9.23
C VAL B 154 -6.38 25.08 -8.83
N PHE B 155 -5.44 24.21 -8.45
CA PHE B 155 -4.11 24.60 -8.00
C PHE B 155 -3.01 24.25 -9.00
N ARG B 156 -2.23 25.25 -9.38
CA ARG B 156 -1.10 25.07 -10.29
C ARG B 156 0.09 25.78 -9.67
N PRO B 157 1.31 25.36 -10.00
CA PRO B 157 2.49 26.02 -9.43
C PRO B 157 2.80 27.33 -10.17
N GLY B 158 3.22 28.35 -9.41
CA GLY B 158 3.55 29.63 -10.02
C GLY B 158 2.31 30.27 -10.61
N LYS B 159 1.22 30.21 -9.84
CA LYS B 159 -0.07 30.75 -10.25
C LYS B 159 -0.97 30.74 -9.01
N PRO B 160 -1.86 31.72 -8.88
CA PRO B 160 -2.76 31.74 -7.70
C PRO B 160 -3.86 30.70 -7.84
N PRO B 161 -4.40 30.22 -6.71
CA PRO B 161 -5.47 29.22 -6.80
C PRO B 161 -6.73 29.80 -7.44
N LEU B 162 -7.34 29.00 -8.31
CA LEU B 162 -8.56 29.39 -9.01
C LEU B 162 -9.79 28.66 -8.43
N ARG B 163 -10.79 29.43 -8.01
CA ARG B 163 -12.01 28.83 -7.46
C ARG B 163 -13.21 29.12 -8.37
N LEU B 164 -13.94 28.08 -8.77
CA LEU B 164 -15.10 28.29 -9.62
C LEU B 164 -16.33 27.76 -8.92
N GLU B 165 -17.44 28.46 -9.14
CA GLU B 165 -18.74 28.14 -8.56
C GLU B 165 -19.79 28.47 -9.62
N GLY B 166 -20.78 27.59 -9.77
CA GLY B 166 -21.83 27.82 -10.75
C GLY B 166 -21.50 27.26 -12.14
N VAL B 167 -20.26 26.85 -12.35
CA VAL B 167 -19.91 26.29 -13.66
C VAL B 167 -20.27 24.80 -13.74
N GLU B 168 -20.65 24.35 -14.93
CA GLU B 168 -20.99 22.94 -15.12
C GLU B 168 -19.76 22.10 -15.44
N ARG B 169 -18.87 22.65 -16.28
CA ARG B 169 -17.67 21.96 -16.68
C ARG B 169 -16.49 22.89 -16.50
N VAL B 170 -15.33 22.31 -16.20
CA VAL B 170 -14.10 23.05 -16.01
C VAL B 170 -12.98 22.43 -16.84
N SER B 171 -12.45 23.19 -17.78
CA SER B 171 -11.37 22.73 -18.64
C SER B 171 -10.10 22.55 -17.80
N LEU B 172 -9.42 21.44 -17.99
CA LEU B 172 -8.22 21.19 -17.24
C LEU B 172 -7.00 21.16 -18.15
N ASP B 173 -7.15 21.82 -19.30
CA ASP B 173 -6.07 21.97 -20.26
C ASP B 173 -5.19 23.02 -19.60
N PRO B 174 -3.89 23.05 -19.92
CA PRO B 174 -3.21 22.16 -20.86
C PRO B 174 -2.63 20.88 -20.21
N GLU B 175 -2.63 20.80 -18.88
CA GLU B 175 -2.09 19.65 -18.18
C GLU B 175 -2.72 18.31 -18.58
N LEU B 176 -4.02 18.35 -18.85
CA LEU B 176 -4.76 17.16 -19.26
C LEU B 176 -5.50 17.57 -20.57
N PRO B 177 -4.78 17.50 -21.70
CA PRO B 177 -5.38 17.88 -22.99
C PRO B 177 -6.73 17.27 -23.39
N GLY B 178 -7.68 18.17 -23.65
CA GLY B 178 -9.02 17.78 -24.07
C GLY B 178 -9.93 17.36 -22.95
N PHE B 179 -9.42 17.35 -21.71
CA PHE B 179 -10.24 16.95 -20.57
C PHE B 179 -10.92 18.09 -19.86
N ALA B 180 -12.22 17.94 -19.63
CA ALA B 180 -13.02 18.91 -18.91
C ALA B 180 -13.82 18.11 -17.87
N LEU B 181 -13.76 18.57 -16.63
CA LEU B 181 -14.45 17.92 -15.52
C LEU B 181 -15.89 18.43 -15.37
N SER B 182 -16.86 17.53 -15.48
CA SER B 182 -18.27 17.89 -15.36
C SER B 182 -18.59 17.84 -13.87
N LEU B 183 -19.01 18.97 -13.32
CA LEU B 183 -19.30 19.11 -11.88
C LEU B 183 -20.62 18.58 -11.30
N PRO B 184 -21.76 18.88 -11.94
CA PRO B 184 -23.03 18.38 -11.40
C PRO B 184 -23.05 16.91 -10.93
N PRO B 185 -22.41 15.99 -11.67
CA PRO B 185 -22.38 14.58 -11.28
C PRO B 185 -21.70 14.33 -9.92
N LEU B 186 -20.85 15.26 -9.50
CA LEU B 186 -20.12 15.13 -8.23
C LEU B 186 -20.92 15.56 -7.01
N TRP B 187 -21.94 16.38 -7.24
CA TRP B 187 -22.77 16.87 -6.14
C TRP B 187 -23.53 15.75 -5.41
N PRO C 2 9.68 -0.69 3.34
CA PRO C 2 8.70 -1.65 3.85
C PRO C 2 7.32 -1.03 3.99
N LEU C 3 6.36 -1.84 4.42
CA LEU C 3 5.03 -1.32 4.65
C LEU C 3 5.17 -0.62 5.98
N VAL C 4 4.83 0.67 6.01
CA VAL C 4 4.91 1.42 7.24
C VAL C 4 3.50 1.55 7.79
N LEU C 5 3.29 1.10 9.03
CA LEU C 5 1.97 1.18 9.65
C LEU C 5 1.95 1.97 10.97
N ASP C 6 1.06 2.95 11.03
CA ASP C 6 0.88 3.77 12.23
C ASP C 6 -0.39 3.28 12.92
N LEU C 7 -0.22 2.68 14.09
CA LEU C 7 -1.34 2.18 14.85
C LEU C 7 -1.89 3.24 15.79
N ALA C 8 -1.42 4.47 15.59
CA ALA C 8 -1.83 5.65 16.37
C ALA C 8 -1.22 5.70 17.76
N ARG C 9 -0.47 4.66 18.10
CA ARG C 9 0.22 4.54 19.37
C ARG C 9 1.41 3.63 19.10
N PRO C 10 2.46 3.73 19.92
CA PRO C 10 3.61 2.86 19.68
C PRO C 10 3.22 1.39 19.84
N VAL C 11 3.69 0.55 18.92
CA VAL C 11 3.42 -0.87 19.00
C VAL C 11 4.36 -1.41 20.09
N SER C 12 3.85 -2.31 20.92
CA SER C 12 4.66 -2.88 22.00
C SER C 12 5.50 -4.04 21.47
N GLU C 13 6.48 -4.44 22.27
CA GLU C 13 7.36 -5.56 21.90
C GLU C 13 6.51 -6.83 21.81
N GLU C 14 5.56 -6.92 22.73
CA GLU C 14 4.62 -8.04 22.83
C GLU C 14 3.87 -8.20 21.51
N GLU C 15 3.27 -7.11 21.05
CA GLU C 15 2.52 -7.13 19.79
C GLU C 15 3.42 -7.50 18.62
N LEU C 16 4.66 -7.01 18.63
CA LEU C 16 5.58 -7.34 17.55
C LEU C 16 5.69 -8.85 17.42
N ARG C 17 5.94 -9.54 18.53
CA ARG C 17 6.08 -11.01 18.48
C ARG C 17 4.77 -11.62 17.97
N ARG C 18 3.67 -11.25 18.61
CA ARG C 18 2.36 -11.76 18.24
C ARG C 18 2.12 -11.59 16.74
N LEU C 19 2.40 -10.39 16.23
CA LEU C 19 2.20 -10.13 14.82
C LEU C 19 3.08 -11.00 13.93
N SER C 20 4.28 -11.32 14.40
CA SER C 20 5.18 -12.16 13.63
C SER C 20 4.55 -13.54 13.58
N GLU C 21 4.05 -13.99 14.71
CA GLU C 21 3.41 -15.30 14.80
C GLU C 21 2.29 -15.44 13.76
N LEU C 22 1.29 -14.54 13.84
CA LEU C 22 0.15 -14.56 12.93
C LEU C 22 0.45 -14.27 11.47
N ASN C 23 1.66 -13.78 11.19
CA ASN C 23 2.02 -13.45 9.82
C ASN C 23 3.47 -13.88 9.58
N PRO C 24 3.72 -15.20 9.66
CA PRO C 24 5.03 -15.87 9.49
C PRO C 24 5.90 -15.44 8.30
N GLY C 25 5.30 -15.30 7.13
CA GLY C 25 6.06 -14.93 5.96
C GLY C 25 6.55 -13.49 5.92
N TYR C 26 6.47 -12.78 7.04
CA TYR C 26 6.90 -11.39 7.07
C TYR C 26 7.79 -11.05 8.22
N GLN C 27 8.58 -10.00 8.03
CA GLN C 27 9.48 -9.52 9.06
C GLN C 27 8.79 -8.33 9.72
N TRP C 28 8.90 -8.24 11.02
CA TRP C 28 8.25 -7.16 11.74
C TRP C 28 9.22 -6.38 12.58
N GLU C 29 9.31 -5.08 12.31
CA GLU C 29 10.21 -4.22 13.07
C GLU C 29 9.45 -3.03 13.64
N ARG C 30 10.10 -2.32 14.58
CA ARG C 30 9.50 -1.11 15.18
C ARG C 30 10.43 0.06 14.86
N SER C 31 9.88 1.09 14.22
CA SER C 31 10.65 2.27 13.84
C SER C 31 10.94 3.12 15.07
N PRO C 32 11.87 4.08 14.96
CA PRO C 32 12.22 4.96 16.08
C PRO C 32 11.01 5.77 16.55
N GLU C 33 9.99 5.87 15.71
CA GLU C 33 8.82 6.62 16.10
C GLU C 33 7.74 5.73 16.69
N GLY C 34 7.97 4.43 16.63
CA GLY C 34 6.99 3.50 17.18
C GLY C 34 6.03 2.95 16.14
N ARG C 35 6.27 3.22 14.87
CA ARG C 35 5.41 2.67 13.83
C ARG C 35 5.86 1.25 13.53
N LEU C 36 5.06 0.53 12.76
CA LEU C 36 5.35 -0.83 12.40
C LEU C 36 6.02 -0.88 11.02
N TRP C 37 7.11 -1.62 10.90
CA TRP C 37 7.76 -1.78 9.59
C TRP C 37 7.62 -3.26 9.24
N VAL C 38 6.84 -3.54 8.20
CA VAL C 38 6.59 -4.90 7.76
C VAL C 38 7.30 -5.16 6.43
N SER C 39 8.09 -6.23 6.39
CA SER C 39 8.85 -6.57 5.18
C SER C 39 8.67 -8.02 4.80
N PRO C 40 8.66 -8.30 3.50
CA PRO C 40 8.50 -9.65 2.95
C PRO C 40 9.68 -10.54 3.35
N THR C 41 9.38 -11.82 3.55
CA THR C 41 10.39 -12.80 3.90
C THR C 41 10.49 -13.80 2.74
N GLY C 42 11.51 -14.64 2.74
CA GLY C 42 11.63 -15.65 1.68
C GLY C 42 12.11 -15.24 0.31
N GLY C 43 11.73 -16.04 -0.69
CA GLY C 43 12.14 -15.76 -2.04
C GLY C 43 13.65 -15.78 -2.13
N GLU C 44 14.18 -15.22 -3.21
CA GLU C 44 15.62 -15.19 -3.40
C GLU C 44 16.24 -14.31 -2.31
N SER C 45 15.51 -13.31 -1.83
CA SER C 45 16.05 -12.45 -0.77
C SER C 45 16.37 -13.27 0.49
N GLY C 46 15.44 -14.13 0.89
CA GLY C 46 15.66 -14.97 2.06
C GLY C 46 16.88 -15.85 1.85
N ARG C 47 17.01 -16.33 0.62
CA ARG C 47 18.15 -17.17 0.26
C ARG C 47 19.46 -16.38 0.41
N ARG C 48 19.47 -15.13 -0.02
CA ARG C 48 20.67 -14.29 0.11
C ARG C 48 21.02 -14.04 1.58
N SER C 49 20.00 -13.79 2.41
CA SER C 49 20.21 -13.58 3.83
C SER C 49 20.97 -14.76 4.43
N LEU C 50 20.47 -15.98 4.17
CA LEU C 50 21.10 -17.18 4.69
C LEU C 50 22.53 -17.33 4.20
N GLN C 51 22.76 -16.98 2.95
CA GLN C 51 24.10 -17.11 2.40
C GLN C 51 25.07 -16.20 3.15
N LEU C 52 24.62 -14.98 3.41
CA LEU C 52 25.46 -14.02 4.10
C LEU C 52 25.76 -14.49 5.53
N ALA C 53 24.72 -14.81 6.29
CA ALA C 53 24.91 -15.25 7.67
C ALA C 53 25.89 -16.44 7.68
N TYR C 54 25.77 -17.30 6.68
CA TYR C 54 26.67 -18.45 6.60
C TYR C 54 28.13 -18.05 6.36
N GLN C 55 28.36 -17.00 5.56
CA GLN C 55 29.73 -16.56 5.33
C GLN C 55 30.28 -16.03 6.66
N LEU C 56 29.42 -15.33 7.36
CA LEU C 56 29.78 -14.73 8.63
C LEU C 56 30.04 -15.81 9.70
N ALA C 57 29.15 -16.80 9.77
CA ALA C 57 29.31 -17.86 10.76
C ALA C 57 30.58 -18.66 10.49
N ARG C 58 30.88 -18.84 9.23
CA ARG C 58 32.05 -19.57 8.83
C ARG C 58 33.29 -18.86 9.34
N TRP C 59 33.33 -17.54 9.14
CA TRP C 59 34.46 -16.71 9.59
C TRP C 59 34.57 -16.71 11.14
N ASN C 60 33.45 -16.56 11.80
CA ASN C 60 33.43 -16.53 13.26
C ASN C 60 33.90 -17.85 13.88
N GLU C 61 33.60 -18.97 13.21
CA GLU C 61 34.00 -20.28 13.68
C GLU C 61 35.54 -20.33 13.76
N GLU C 62 36.17 -19.67 12.79
CA GLU C 62 37.62 -19.63 12.70
C GLU C 62 38.29 -18.65 13.66
N ARG C 63 37.61 -17.54 13.94
CA ARG C 63 38.19 -16.52 14.81
C ARG C 63 37.66 -16.51 16.24
N GLY C 64 36.42 -16.95 16.42
CA GLY C 64 35.84 -16.99 17.76
C GLY C 64 35.72 -15.67 18.52
N LEU C 65 35.49 -14.56 17.83
CA LEU C 65 35.39 -13.27 18.51
C LEU C 65 33.97 -12.90 18.92
N GLY C 66 32.97 -13.59 18.39
CA GLY C 66 31.63 -13.23 18.78
C GLY C 66 30.50 -14.16 18.39
N VAL C 67 29.34 -13.56 18.16
CA VAL C 67 28.12 -14.28 17.83
C VAL C 67 27.54 -13.76 16.52
N VAL C 68 27.13 -14.68 15.68
CA VAL C 68 26.55 -14.35 14.39
C VAL C 68 25.04 -14.56 14.40
N PHE C 69 24.32 -13.67 13.73
CA PHE C 69 22.88 -13.75 13.66
C PHE C 69 22.38 -13.69 12.23
N ASP C 70 21.34 -14.48 11.94
CA ASP C 70 20.75 -14.48 10.63
C ASP C 70 19.63 -13.45 10.65
N SER C 71 18.91 -13.33 9.55
CA SER C 71 17.85 -12.36 9.44
C SER C 71 16.68 -12.52 10.38
N SER C 72 16.66 -13.58 11.18
CA SER C 72 15.53 -13.82 12.07
C SER C 72 15.56 -13.06 13.40
N THR C 73 16.70 -12.48 13.77
CA THR C 73 16.79 -11.77 15.04
C THR C 73 16.52 -10.27 14.92
N GLY C 74 15.83 -9.73 15.92
CA GLY C 74 15.54 -8.31 15.95
C GLY C 74 16.27 -7.71 17.13
N PHE C 75 16.93 -6.57 16.96
CA PHE C 75 17.65 -5.94 18.06
C PHE C 75 16.94 -4.68 18.55
N LYS C 76 16.98 -4.45 19.86
CA LYS C 76 16.36 -3.27 20.44
C LYS C 76 17.43 -2.22 20.63
N PHE C 77 17.24 -1.08 19.98
CA PHE C 77 18.21 0.01 20.05
C PHE C 77 17.81 1.05 21.05
N PRO C 78 18.77 1.88 21.49
CA PRO C 78 18.57 2.97 22.47
C PRO C 78 17.42 3.93 22.16
N ASP C 79 17.17 4.18 20.88
CA ASP C 79 16.08 5.08 20.54
C ASP C 79 14.73 4.36 20.62
N GLY C 80 14.74 3.11 21.05
CA GLY C 80 13.50 2.34 21.17
C GLY C 80 13.07 1.59 19.91
N SER C 81 13.80 1.74 18.82
CA SER C 81 13.47 1.03 17.62
C SER C 81 13.94 -0.43 17.77
N ILE C 82 13.26 -1.33 17.08
CA ILE C 82 13.61 -2.75 17.09
C ILE C 82 13.79 -3.12 15.61
N LEU C 83 15.04 -3.29 15.21
CA LEU C 83 15.34 -3.61 13.82
C LEU C 83 15.98 -4.98 13.62
N SER C 84 15.67 -5.56 12.45
CA SER C 84 16.15 -6.88 12.12
C SER C 84 16.96 -6.91 10.83
N PRO C 85 18.28 -6.88 10.93
CA PRO C 85 19.02 -6.92 9.66
C PRO C 85 19.06 -8.33 9.07
N ASP C 86 19.65 -8.48 7.89
CA ASP C 86 19.77 -9.80 7.28
C ASP C 86 20.83 -10.64 7.98
N ALA C 87 21.78 -9.98 8.63
CA ALA C 87 22.78 -10.71 9.40
C ALA C 87 23.46 -9.73 10.33
N ALA C 88 24.02 -10.21 11.44
CA ALA C 88 24.69 -9.31 12.35
C ALA C 88 25.76 -10.03 13.15
N PHE C 89 26.72 -9.27 13.62
CA PHE C 89 27.78 -9.80 14.44
C PHE C 89 27.82 -9.04 15.75
N VAL C 90 27.81 -9.79 16.85
CA VAL C 90 27.88 -9.20 18.17
C VAL C 90 29.11 -9.76 18.88
N GLU C 91 29.90 -8.89 19.49
CA GLU C 91 31.12 -9.32 20.20
C GLU C 91 30.71 -10.20 21.38
N ARG C 92 31.47 -11.28 21.59
CA ARG C 92 31.17 -12.27 22.64
C ARG C 92 30.88 -11.68 24.03
N GLY C 93 31.77 -10.82 24.50
CA GLY C 93 31.59 -10.21 25.80
C GLY C 93 30.26 -9.50 25.92
N ALA C 94 29.90 -8.71 24.92
CA ALA C 94 28.62 -8.00 24.97
C ALA C 94 27.48 -8.99 25.13
N TRP C 95 27.46 -9.99 24.27
CA TRP C 95 26.42 -11.00 24.28
C TRP C 95 26.18 -11.69 25.62
N GLU C 96 27.26 -12.05 26.28
CA GLU C 96 27.14 -12.74 27.55
C GLU C 96 26.72 -11.82 28.68
N ALA C 97 27.13 -10.56 28.58
CA ALA C 97 26.79 -9.57 29.60
C ALA C 97 25.27 -9.41 29.71
N LEU C 98 24.54 -9.89 28.70
CA LEU C 98 23.10 -9.78 28.72
C LEU C 98 22.44 -10.81 29.63
N SER C 99 21.12 -10.69 29.78
CA SER C 99 20.35 -11.60 30.61
C SER C 99 19.82 -12.67 29.68
N GLU C 100 19.58 -13.85 30.22
CA GLU C 100 19.07 -14.95 29.41
C GLU C 100 17.81 -14.54 28.65
N ALA C 101 16.95 -13.75 29.29
CA ALA C 101 15.70 -13.32 28.67
C ALA C 101 15.99 -12.39 27.49
N GLU C 102 16.90 -11.46 27.72
CA GLU C 102 17.31 -10.52 26.69
C GLU C 102 17.88 -11.27 25.50
N ARG C 103 18.69 -12.29 25.77
CA ARG C 103 19.25 -13.05 24.68
C ARG C 103 18.15 -13.79 23.92
N GLU C 104 17.06 -14.09 24.62
CA GLU C 104 15.98 -14.83 23.98
C GLU C 104 14.92 -14.01 23.21
N GLY C 105 14.83 -12.71 23.46
CA GLY C 105 13.85 -11.90 22.74
C GLY C 105 14.45 -11.02 21.65
N PHE C 106 14.46 -9.71 21.91
CA PHE C 106 15.04 -8.73 21.00
C PHE C 106 16.20 -8.22 21.86
N PRO C 107 17.41 -8.75 21.62
CA PRO C 107 18.57 -8.32 22.42
C PRO C 107 18.73 -6.79 22.48
N PRO C 108 18.89 -6.26 23.70
CA PRO C 108 19.05 -4.82 23.85
C PRO C 108 20.49 -4.33 23.70
N LEU C 109 20.97 -4.38 22.45
CA LEU C 109 22.32 -3.90 22.14
C LEU C 109 22.43 -3.67 20.64
N ALA C 110 23.39 -2.83 20.26
CA ALA C 110 23.60 -2.54 18.87
C ALA C 110 24.72 -3.47 18.41
N PRO C 111 24.47 -4.32 17.42
CA PRO C 111 25.53 -5.22 16.95
C PRO C 111 26.72 -4.42 16.46
N LYS C 112 27.92 -4.98 16.57
CA LYS C 112 29.09 -4.28 16.11
C LYS C 112 28.94 -4.05 14.61
N ALA C 113 28.37 -5.04 13.94
CA ALA C 113 28.20 -4.94 12.50
C ALA C 113 26.85 -5.54 12.09
N VAL C 114 26.19 -4.89 11.12
CA VAL C 114 24.92 -5.40 10.61
C VAL C 114 24.99 -5.40 9.08
N PHE C 115 24.25 -6.34 8.48
CA PHE C 115 24.20 -6.48 7.03
C PHE C 115 22.75 -6.43 6.57
N GLU C 116 22.50 -5.70 5.49
CA GLU C 116 21.18 -5.62 4.88
C GLU C 116 21.36 -5.94 3.40
N VAL C 117 20.50 -6.79 2.88
CA VAL C 117 20.54 -7.16 1.46
C VAL C 117 19.27 -6.61 0.85
N ARG C 118 19.44 -5.73 -0.12
CA ARG C 118 18.30 -5.11 -0.77
C ARG C 118 17.43 -6.14 -1.46
N SER C 119 16.14 -6.16 -1.14
CA SER C 119 15.21 -7.07 -1.79
C SER C 119 14.50 -6.22 -2.86
N ALA C 120 13.89 -6.88 -3.85
CA ALA C 120 13.23 -6.20 -4.97
C ALA C 120 12.26 -5.05 -4.66
N SER C 121 11.60 -5.09 -3.51
CA SER C 121 10.64 -4.04 -3.19
C SER C 121 11.20 -2.91 -2.31
N GLN C 122 12.50 -2.93 -2.05
CA GLN C 122 13.13 -1.91 -1.22
C GLN C 122 13.84 -0.85 -2.03
N ASP C 123 13.63 0.41 -1.67
CA ASP C 123 14.29 1.49 -2.37
C ASP C 123 15.70 1.68 -1.81
N PRO C 124 16.72 1.76 -2.69
CA PRO C 124 18.09 1.95 -2.21
C PRO C 124 18.19 3.10 -1.18
N GLU C 125 17.54 4.22 -1.46
CA GLU C 125 17.62 5.37 -0.55
C GLU C 125 17.00 5.09 0.82
N GLU C 126 15.97 4.26 0.87
CA GLU C 126 15.34 3.93 2.14
C GLU C 126 16.24 3.03 2.97
N LEU C 127 16.97 2.15 2.30
CA LEU C 127 17.91 1.27 2.97
C LEU C 127 19.09 2.09 3.49
N ARG C 128 19.51 3.08 2.71
CA ARG C 128 20.62 3.91 3.15
C ARG C 128 20.23 4.68 4.40
N ALA C 129 19.00 5.19 4.44
CA ALA C 129 18.53 5.90 5.62
C ALA C 129 18.50 4.92 6.81
N LYS C 130 18.12 3.68 6.55
CA LYS C 130 18.07 2.68 7.62
C LYS C 130 19.49 2.49 8.20
N MET C 131 20.49 2.46 7.32
CA MET C 131 21.86 2.30 7.77
C MET C 131 22.18 3.49 8.70
N GLY C 132 21.61 4.65 8.35
CA GLY C 132 21.81 5.84 9.17
C GLY C 132 21.23 5.61 10.56
N ILE C 133 20.11 4.92 10.63
CA ILE C 133 19.50 4.65 11.92
C ILE C 133 20.39 3.69 12.74
N TYR C 134 20.93 2.67 12.08
CA TYR C 134 21.82 1.72 12.77
C TYR C 134 23.02 2.43 13.42
N LEU C 135 23.71 3.24 12.64
CA LEU C 135 24.90 3.96 13.12
C LEU C 135 24.60 4.93 14.24
N ARG C 136 23.54 5.71 14.14
CA ARG C 136 23.21 6.67 15.20
C ARG C 136 22.81 5.93 16.48
N ASN C 137 22.53 4.64 16.35
CA ASN C 137 22.20 3.83 17.52
C ASN C 137 23.37 2.99 18.01
N GLY C 138 24.57 3.25 17.49
CA GLY C 138 25.75 2.53 17.96
C GLY C 138 26.43 1.46 17.10
N VAL C 139 25.81 1.06 16.02
CA VAL C 139 26.43 0.05 15.14
C VAL C 139 27.70 0.68 14.60
N LEU C 140 28.78 -0.09 14.63
CA LEU C 140 30.08 0.40 14.17
C LEU C 140 30.34 0.16 12.68
N LEU C 141 29.65 -0.81 12.10
CA LEU C 141 29.84 -1.09 10.69
C LEU C 141 28.54 -1.55 10.05
N GLY C 142 28.07 -0.80 9.06
CA GLY C 142 26.85 -1.17 8.37
C GLY C 142 27.22 -1.53 6.93
N VAL C 143 26.71 -2.65 6.44
CA VAL C 143 27.01 -3.10 5.08
C VAL C 143 25.72 -3.35 4.35
N LEU C 144 25.61 -2.72 3.19
CA LEU C 144 24.43 -2.81 2.36
C LEU C 144 24.78 -3.49 1.04
N VAL C 145 24.16 -4.64 0.76
CA VAL C 145 24.39 -5.36 -0.48
C VAL C 145 23.20 -5.21 -1.45
N ASP C 146 23.49 -4.78 -2.67
CA ASP C 146 22.47 -4.63 -3.70
C ASP C 146 22.74 -5.68 -4.78
N PRO C 147 21.96 -6.77 -4.81
CA PRO C 147 22.20 -7.80 -5.82
C PRO C 147 21.70 -7.45 -7.22
N TYR C 148 20.89 -6.40 -7.31
CA TYR C 148 20.36 -5.95 -8.59
C TYR C 148 21.36 -5.05 -9.29
N ALA C 149 21.97 -4.14 -8.56
CA ALA C 149 22.97 -3.26 -9.16
C ALA C 149 24.34 -3.89 -8.95
N ARG C 150 24.35 -5.05 -8.27
CA ARG C 150 25.59 -5.74 -7.95
C ARG C 150 26.64 -4.81 -7.36
N ALA C 151 26.25 -4.15 -6.28
CA ALA C 151 27.11 -3.20 -5.59
C ALA C 151 27.05 -3.41 -4.09
N VAL C 152 28.01 -2.84 -3.39
CA VAL C 152 28.02 -2.89 -1.93
C VAL C 152 28.38 -1.52 -1.39
N GLU C 153 27.69 -1.14 -0.32
CA GLU C 153 27.93 0.13 0.35
C GLU C 153 28.29 -0.15 1.81
N VAL C 154 29.31 0.56 2.29
CA VAL C 154 29.84 0.39 3.62
C VAL C 154 29.66 1.66 4.39
N PHE C 155 29.10 1.53 5.57
CA PHE C 155 28.83 2.69 6.42
C PHE C 155 29.53 2.56 7.76
N ARG C 156 30.30 3.59 8.10
CA ARG C 156 31.01 3.66 9.38
C ARG C 156 30.66 5.00 9.98
N PRO C 157 30.50 5.05 11.33
CA PRO C 157 30.16 6.34 11.95
C PRO C 157 31.17 7.44 11.68
N GLY C 158 30.68 8.63 11.40
CA GLY C 158 31.57 9.76 11.17
C GLY C 158 32.40 9.71 9.91
N LYS C 159 32.07 8.79 9.01
CA LYS C 159 32.80 8.66 7.76
C LYS C 159 31.82 8.64 6.59
N PRO C 160 32.27 9.07 5.40
CA PRO C 160 31.36 9.06 4.26
C PRO C 160 31.11 7.62 3.82
N PRO C 161 29.88 7.33 3.37
CA PRO C 161 29.48 5.99 2.91
C PRO C 161 30.29 5.68 1.65
N LEU C 162 30.70 4.43 1.51
CA LEU C 162 31.48 4.01 0.35
C LEU C 162 30.61 3.09 -0.47
N ARG C 163 30.75 3.16 -1.79
CA ARG C 163 30.01 2.30 -2.67
C ARG C 163 31.07 1.61 -3.54
N LEU C 164 30.99 0.29 -3.65
CA LEU C 164 31.93 -0.47 -4.46
C LEU C 164 31.16 -1.29 -5.50
N GLU C 165 31.65 -1.28 -6.73
CA GLU C 165 31.02 -2.03 -7.80
C GLU C 165 32.08 -2.77 -8.57
N GLY C 166 31.66 -3.88 -9.18
CA GLY C 166 32.59 -4.67 -9.98
C GLY C 166 33.58 -5.41 -9.09
N VAL C 167 33.32 -5.44 -7.80
CA VAL C 167 34.23 -6.14 -6.90
C VAL C 167 33.63 -7.48 -6.53
N GLU C 168 34.50 -8.46 -6.27
CA GLU C 168 34.04 -9.80 -5.93
C GLU C 168 34.06 -10.07 -4.44
N ARG C 169 34.91 -9.33 -3.74
CA ARG C 169 35.03 -9.49 -2.31
C ARG C 169 35.32 -8.13 -1.70
N VAL C 170 34.90 -7.94 -0.45
CA VAL C 170 35.13 -6.67 0.22
C VAL C 170 35.67 -7.01 1.59
N SER C 171 36.84 -6.49 1.91
CA SER C 171 37.46 -6.73 3.21
C SER C 171 36.72 -5.88 4.21
N LEU C 172 36.52 -6.39 5.41
CA LEU C 172 35.80 -5.64 6.42
C LEU C 172 36.58 -5.40 7.71
N ASP C 173 37.90 -5.38 7.55
CA ASP C 173 38.82 -5.06 8.64
C ASP C 173 38.58 -3.55 8.73
N PRO C 174 38.78 -2.96 9.91
CA PRO C 174 39.21 -3.64 11.14
C PRO C 174 38.09 -4.21 11.98
N GLU C 175 36.85 -3.77 11.72
CA GLU C 175 35.71 -4.24 12.51
C GLU C 175 35.52 -5.77 12.56
N LEU C 176 35.75 -6.45 11.45
CA LEU C 176 35.59 -7.89 11.42
C LEU C 176 36.94 -8.36 10.90
N PRO C 177 37.91 -8.46 11.81
CA PRO C 177 39.26 -8.88 11.44
C PRO C 177 39.37 -10.20 10.70
N GLY C 178 39.92 -10.14 9.50
CA GLY C 178 40.09 -11.33 8.71
C GLY C 178 38.87 -11.65 7.86
N PHE C 179 37.79 -10.91 8.05
CA PHE C 179 36.62 -11.20 7.26
C PHE C 179 36.56 -10.43 5.94
N ALA C 180 36.32 -11.17 4.88
CA ALA C 180 36.15 -10.64 3.53
C ALA C 180 34.83 -11.24 3.05
N LEU C 181 33.87 -10.39 2.72
CA LEU C 181 32.57 -10.84 2.25
C LEU C 181 32.67 -11.15 0.76
N SER C 182 32.22 -12.33 0.35
CA SER C 182 32.26 -12.72 -1.07
C SER C 182 30.90 -12.37 -1.69
N LEU C 183 30.91 -11.60 -2.78
CA LEU C 183 29.67 -11.14 -3.40
C LEU C 183 28.94 -12.05 -4.41
N PRO C 184 29.66 -12.63 -5.39
CA PRO C 184 28.93 -13.48 -6.34
C PRO C 184 27.92 -14.45 -5.71
N PRO C 185 28.29 -15.11 -4.60
CA PRO C 185 27.31 -16.03 -4.01
C PRO C 185 26.00 -15.33 -3.62
N LEU C 186 26.03 -14.02 -3.46
CA LEU C 186 24.83 -13.28 -3.06
C LEU C 186 23.98 -12.74 -4.22
N TRP C 187 24.55 -12.71 -5.42
CA TRP C 187 23.79 -12.20 -6.56
C TRP C 187 22.50 -13.01 -6.82
#